data_3IOE
#
_entry.id   3IOE
#
_cell.length_a   48.382
_cell.length_b   71.259
_cell.length_c   81.871
_cell.angle_alpha   90.00
_cell.angle_beta   99.35
_cell.angle_gamma   90.00
#
_symmetry.space_group_name_H-M   'P 1 21 1'
#
loop_
_entity.id
_entity.type
_entity.pdbx_description
1 polymer 'Pantothenate synthetase'
2 non-polymer "5'-S-[(3R)-3,4-dihydroxybutyl]-5'-thioadenosine"
3 non-polymer GLYCEROL
4 non-polymer 'SULFATE ION'
5 non-polymer ETHANOL
6 water water
#
_entity_poly.entity_id   1
_entity_poly.type   'polypeptide(L)'
_entity_poly.pdbx_seq_one_letter_code
;AMAIPAFHPGELNVYSAPGDVADVSRALRLTGRRVMLVPTMGALHEGHLALVRAAKRVPGSVVVVSIFVNPMQFGAGGDL
DAYPRTPDDDLAQLRAEGVEIAFTPTTAAMYPDGLRTTVQPGPLAAELEGGPRPTHFAGVLTVVLKLLQIVRPDRVFFGE
KDYQQLVLIRQLVADFNLDVAVVGVPTVREADGLAMSSRNRYLDPAQRAAAVALSAALTAAAHAATAGAQAALDAARAVL
DAAPGVAVDYLELRDIGLGPMPLNGSGRLLVAARLGTTRLLDNIAIEIGTFAGTDRPDGYR
;
_entity_poly.pdbx_strand_id   A,B
#
loop_
_chem_comp.id
_chem_comp.type
_chem_comp.name
_chem_comp.formula
A7D non-polymer 5'-S-[(3R)-3,4-dihydroxybutyl]-5'-thioadenosine 'C14 H21 N5 O5 S'
EOH non-polymer ETHANOL 'C2 H6 O'
GOL non-polymer GLYCEROL 'C3 H8 O3'
SO4 non-polymer 'SULFATE ION' 'O4 S -2'
#
# COMPACT_ATOMS: atom_id res chain seq x y z
N PRO A 5 -26.07 6.11 2.88
CA PRO A 5 -26.41 5.77 4.28
C PRO A 5 -26.53 7.01 5.18
N ALA A 6 -27.34 6.90 6.23
CA ALA A 6 -27.58 8.00 7.16
C ALA A 6 -26.42 8.25 8.12
N PHE A 7 -26.14 9.53 8.38
CA PHE A 7 -25.28 10.00 9.47
C PHE A 7 -25.95 11.05 10.38
N HIS A 8 -26.34 10.62 11.57
CA HIS A 8 -26.89 11.50 12.61
C HIS A 8 -25.80 12.13 13.48
N PRO A 9 -25.55 13.44 13.35
CA PRO A 9 -24.48 14.00 14.17
C PRO A 9 -24.84 14.12 15.66
N GLY A 10 -23.80 14.27 16.48
CA GLY A 10 -23.97 14.25 17.93
C GLY A 10 -24.35 12.87 18.44
N GLU A 11 -24.39 11.88 17.54
CA GLU A 11 -24.61 10.48 17.91
C GLU A 11 -23.53 9.52 17.36
N LEU A 12 -23.43 8.34 18.00
CA LEU A 12 -22.58 7.29 17.44
C LEU A 12 -23.34 6.54 16.35
N ASN A 13 -22.71 6.50 15.18
CA ASN A 13 -23.21 5.89 13.96
C ASN A 13 -22.31 4.67 13.70
N VAL A 14 -22.89 3.47 13.65
CA VAL A 14 -22.08 2.27 13.44
C VAL A 14 -22.29 1.76 12.01
N TYR A 15 -21.18 1.64 11.28
CA TYR A 15 -21.18 1.13 9.92
C TYR A 15 -20.28 -0.08 9.86
N SER A 16 -20.80 -1.11 9.22
CA SER A 16 -20.06 -2.33 9.01
C SER A 16 -19.49 -2.40 7.60
N ALA A 17 -20.25 -1.97 6.59
CA ALA A 17 -19.79 -2.00 5.20
C ALA A 17 -18.70 -0.97 4.88
N PRO A 18 -17.51 -1.40 4.37
CA PRO A 18 -16.49 -0.39 4.02
C PRO A 18 -17.01 0.70 3.09
N GLY A 19 -17.82 0.31 2.11
CA GLY A 19 -18.46 1.29 1.21
C GLY A 19 -19.28 2.34 1.95
N ASP A 20 -19.96 1.90 3.02
CA ASP A 20 -20.80 2.81 3.83
C ASP A 20 -19.98 3.88 4.58
N VAL A 21 -18.92 3.48 5.26
CA VAL A 21 -18.10 4.44 5.96
C VAL A 21 -17.27 5.32 5.01
N ALA A 22 -16.93 4.76 3.83
CA ALA A 22 -16.23 5.50 2.81
C ALA A 22 -17.13 6.66 2.30
N ASP A 23 -18.38 6.35 2.02
CA ASP A 23 -19.33 7.33 1.48
C ASP A 23 -19.58 8.47 2.49
N VAL A 24 -19.79 8.07 3.73
CA VAL A 24 -20.09 8.98 4.82
C VAL A 24 -18.90 9.87 5.08
N SER A 25 -17.70 9.27 5.16
CA SER A 25 -16.44 9.98 5.37
C SER A 25 -16.22 11.07 4.30
N ARG A 26 -16.33 10.66 3.05
CA ARG A 26 -16.18 11.54 1.91
C ARG A 26 -17.24 12.65 2.03
N ALA A 27 -18.48 12.27 2.26
CA ALA A 27 -19.54 13.28 2.41
C ALA A 27 -19.14 14.29 3.48
N LEU A 28 -18.68 13.80 4.63
CA LEU A 28 -18.34 14.67 5.74
C LEU A 28 -17.18 15.62 5.38
N ARG A 29 -16.17 15.08 4.73
CA ARG A 29 -15.02 15.87 4.37
C ARG A 29 -15.40 17.00 3.41
N LEU A 30 -16.29 16.71 2.48
CA LEU A 30 -16.73 17.74 1.53
C LEU A 30 -17.44 18.88 2.26
N THR A 31 -18.15 18.58 3.34
CA THR A 31 -18.91 19.59 4.08
C THR A 31 -18.04 20.43 5.02
N GLY A 32 -16.73 20.16 5.04
CA GLY A 32 -15.81 20.91 5.88
C GLY A 32 -15.14 20.15 7.02
N ARG A 33 -15.77 19.09 7.52
CA ARG A 33 -15.30 18.41 8.73
C ARG A 33 -14.00 17.64 8.45
N ARG A 34 -13.06 17.68 9.39
CA ARG A 34 -11.81 16.94 9.24
C ARG A 34 -11.93 15.55 9.87
N VAL A 35 -11.51 14.52 9.15
CA VAL A 35 -11.76 13.16 9.58
C VAL A 35 -10.59 12.63 10.38
N MET A 36 -10.87 12.23 11.62
CA MET A 36 -9.83 11.62 12.47
C MET A 36 -10.05 10.09 12.51
N LEU A 37 -8.99 9.32 12.32
CA LEU A 37 -9.16 7.86 12.41
C LEU A 37 -8.39 7.29 13.58
N VAL A 38 -9.04 6.48 14.41
CA VAL A 38 -8.39 5.80 15.53
C VAL A 38 -8.60 4.31 15.33
N PRO A 39 -7.59 3.60 14.78
CA PRO A 39 -7.71 2.16 14.53
C PRO A 39 -7.49 1.37 15.82
N THR A 40 -8.41 0.44 16.10
CA THR A 40 -8.32 -0.40 17.29
C THR A 40 -8.70 -1.84 16.95
N MET A 41 -8.40 -2.72 17.89
CA MET A 41 -8.93 -4.05 17.81
C MET A 41 -9.99 -4.28 18.88
N GLY A 42 -10.67 -3.22 19.31
CA GLY A 42 -11.66 -3.29 20.38
C GLY A 42 -11.07 -3.61 21.75
N ALA A 43 -11.92 -4.04 22.68
CA ALA A 43 -11.47 -4.33 24.05
C ALA A 43 -10.89 -3.04 24.61
N LEU A 44 -11.66 -1.97 24.51
CA LEU A 44 -11.14 -0.65 24.75
C LEU A 44 -10.92 -0.39 26.24
N HIS A 45 -9.81 0.30 26.54
CA HIS A 45 -9.49 0.80 27.87
C HIS A 45 -9.11 2.29 27.75
N GLU A 46 -8.63 2.89 28.84
CA GLU A 46 -8.36 4.34 28.90
C GLU A 46 -7.20 4.79 27.99
N GLY A 47 -6.31 3.84 27.69
CA GLY A 47 -5.28 4.07 26.68
C GLY A 47 -5.88 4.39 25.30
N HIS A 48 -6.80 3.55 24.84
CA HIS A 48 -7.58 3.84 23.63
C HIS A 48 -8.38 5.14 23.74
N LEU A 49 -8.92 5.43 24.92
CA LEU A 49 -9.72 6.65 25.05
C LEU A 49 -8.86 7.94 24.98
N ALA A 50 -7.56 7.85 25.29
CA ALA A 50 -6.67 9.02 25.14
C ALA A 50 -6.49 9.32 23.65
N LEU A 51 -6.43 8.25 22.85
CA LEU A 51 -6.35 8.35 21.39
C LEU A 51 -7.60 9.06 20.89
N VAL A 52 -8.74 8.61 21.37
CA VAL A 52 -10.04 9.20 21.01
C VAL A 52 -10.07 10.70 21.36
N ARG A 53 -9.60 11.02 22.56
CA ARG A 53 -9.67 12.39 23.06
C ARG A 53 -8.74 13.30 22.28
N ALA A 54 -7.56 12.80 21.94
CA ALA A 54 -6.60 13.51 21.07
C ALA A 54 -7.16 13.77 19.70
N ALA A 55 -7.90 12.80 19.17
CA ALA A 55 -8.60 12.98 17.90
C ALA A 55 -9.70 14.02 18.09
N LYS A 56 -10.38 13.95 19.23
CA LYS A 56 -11.61 14.73 19.43
C LYS A 56 -11.35 16.22 19.56
N ARG A 57 -10.19 16.55 20.09
CA ARG A 57 -9.81 17.94 20.29
C ARG A 57 -9.33 18.66 19.02
N VAL A 58 -9.07 17.94 17.94
CA VAL A 58 -8.71 18.58 16.66
C VAL A 58 -9.96 19.34 16.16
N PRO A 59 -9.83 20.67 15.96
CA PRO A 59 -11.00 21.52 15.66
C PRO A 59 -11.76 21.16 14.37
N GLY A 60 -13.07 21.05 14.51
CA GLY A 60 -13.95 20.67 13.41
C GLY A 60 -13.89 19.19 13.01
N SER A 61 -13.33 18.36 13.88
CA SER A 61 -13.10 16.99 13.47
C SER A 61 -14.33 16.11 13.65
N VAL A 62 -14.39 15.05 12.86
CA VAL A 62 -15.34 13.99 13.10
C VAL A 62 -14.43 12.80 13.39
N VAL A 63 -14.76 12.00 14.41
CA VAL A 63 -13.87 10.92 14.84
C VAL A 63 -14.47 9.58 14.37
N VAL A 64 -13.64 8.80 13.67
CA VAL A 64 -13.94 7.45 13.29
C VAL A 64 -13.04 6.54 14.10
N VAL A 65 -13.66 5.64 14.87
CA VAL A 65 -12.91 4.62 15.58
C VAL A 65 -13.24 3.31 14.86
N SER A 66 -12.23 2.64 14.31
CA SER A 66 -12.44 1.32 13.74
C SER A 66 -12.18 0.25 14.79
N ILE A 67 -13.01 -0.78 14.75
CA ILE A 67 -12.83 -1.90 15.65
C ILE A 67 -12.77 -3.13 14.75
N PHE A 68 -11.61 -3.76 14.68
CA PHE A 68 -11.46 -4.93 13.79
C PHE A 68 -10.31 -5.74 14.31
N VAL A 69 -10.60 -7.01 14.64
CA VAL A 69 -9.57 -7.90 15.18
C VAL A 69 -9.03 -8.55 13.95
N ASN A 70 -7.88 -8.04 13.53
CA ASN A 70 -7.35 -8.30 12.22
C ASN A 70 -6.71 -9.67 12.18
N PRO A 71 -7.31 -10.64 11.48
CA PRO A 71 -6.68 -11.96 11.57
C PRO A 71 -5.24 -11.96 10.99
N MET A 72 -4.92 -11.05 10.06
CA MET A 72 -3.61 -11.11 9.39
C MET A 72 -2.38 -10.79 10.31
N GLN A 73 -2.59 -10.10 11.42
CA GLN A 73 -1.46 -9.73 12.27
C GLN A 73 -1.25 -10.73 13.44
N PHE A 74 -2.06 -11.79 13.43
CA PHE A 74 -1.87 -12.93 14.34
C PHE A 74 -1.17 -14.11 13.64
N GLY A 75 -0.31 -14.81 14.39
CA GLY A 75 0.15 -16.12 13.96
C GLY A 75 -0.85 -17.17 14.42
N ALA A 76 -0.69 -18.40 13.92
CA ALA A 76 -1.40 -19.56 14.45
C ALA A 76 -0.85 -19.85 15.86
N GLY A 77 -1.58 -20.54 16.75
CA GLY A 77 -2.89 -21.15 16.50
C GLY A 77 -4.11 -20.26 16.30
N GLY A 78 -4.69 -19.68 17.37
CA GLY A 78 -4.21 -19.74 18.76
C GLY A 78 -4.54 -18.43 19.46
N ASP A 79 -3.73 -17.40 19.13
CA ASP A 79 -3.83 -16.05 19.69
C ASP A 79 -5.07 -15.29 19.23
N LEU A 80 -5.46 -15.51 17.97
CA LEU A 80 -6.63 -14.84 17.39
C LEU A 80 -7.93 -15.12 18.17
N ASP A 81 -8.17 -16.41 18.47
CA ASP A 81 -9.40 -16.79 19.21
C ASP A 81 -9.38 -16.31 20.67
N ALA A 82 -8.15 -16.11 21.18
CA ALA A 82 -7.87 -15.70 22.56
C ALA A 82 -7.89 -14.18 22.80
N TYR A 83 -7.90 -13.37 21.73
CA TYR A 83 -7.97 -11.90 21.86
C TYR A 83 -9.34 -11.51 22.43
N PRO A 84 -9.39 -10.59 23.44
CA PRO A 84 -10.67 -10.27 24.07
C PRO A 84 -11.62 -9.47 23.18
N ARG A 85 -12.89 -9.86 23.24
CA ARG A 85 -13.88 -9.22 22.43
C ARG A 85 -14.98 -8.83 23.43
N THR A 86 -15.14 -7.51 23.60
CA THR A 86 -16.09 -6.91 24.54
C THR A 86 -16.79 -5.74 23.84
N PRO A 87 -17.54 -6.02 22.73
CA PRO A 87 -18.06 -4.98 21.85
C PRO A 87 -19.16 -4.12 22.46
N ASP A 88 -19.93 -4.70 23.39
CA ASP A 88 -20.96 -3.95 24.11
C ASP A 88 -20.34 -2.84 24.93
N ASP A 89 -19.31 -3.18 25.71
CA ASP A 89 -18.51 -2.21 26.46
C ASP A 89 -17.87 -1.20 25.47
N ASP A 90 -17.20 -1.70 24.43
CA ASP A 90 -16.57 -0.83 23.41
C ASP A 90 -17.47 0.30 22.91
N LEU A 91 -18.61 -0.07 22.35
CA LEU A 91 -19.56 0.90 21.79
C LEU A 91 -20.10 1.89 22.81
N ALA A 92 -20.33 1.41 24.02
CA ALA A 92 -20.73 2.23 25.18
C ALA A 92 -19.67 3.27 25.54
N GLN A 93 -18.41 2.82 25.60
CA GLN A 93 -17.30 3.72 25.85
C GLN A 93 -17.20 4.82 24.78
N LEU A 94 -17.48 4.46 23.52
CA LEU A 94 -17.40 5.40 22.40
C LEU A 94 -18.54 6.42 22.45
N ARG A 95 -19.75 5.92 22.71
CA ARG A 95 -20.89 6.78 23.01
C ARG A 95 -20.59 7.75 24.17
N ALA A 96 -20.05 7.25 25.28
CA ALA A 96 -19.67 8.12 26.42
C ALA A 96 -18.60 9.16 26.06
N GLU A 97 -17.88 8.91 24.98
CA GLU A 97 -16.82 9.81 24.53
C GLU A 97 -17.28 10.80 23.46
N GLY A 98 -18.52 10.68 22.99
CA GLY A 98 -19.07 11.56 21.96
C GLY A 98 -18.44 11.37 20.59
N VAL A 99 -17.85 10.20 20.36
CA VAL A 99 -17.44 9.72 19.03
C VAL A 99 -18.64 9.56 18.11
N GLU A 100 -18.53 10.05 16.88
CA GLU A 100 -19.66 9.96 15.96
C GLU A 100 -19.67 8.73 15.06
N ILE A 101 -18.51 8.11 14.87
CA ILE A 101 -18.46 6.96 13.96
C ILE A 101 -17.66 5.77 14.50
N ALA A 102 -18.30 4.61 14.58
CA ALA A 102 -17.61 3.35 14.84
C ALA A 102 -17.63 2.57 13.52
N PHE A 103 -16.48 2.05 13.08
CA PHE A 103 -16.42 1.27 11.83
C PHE A 103 -16.09 -0.16 12.25
N THR A 104 -16.99 -1.09 11.99
CA THR A 104 -16.90 -2.45 12.53
C THR A 104 -16.98 -3.49 11.39
N PRO A 105 -15.94 -3.56 10.55
CA PRO A 105 -15.99 -4.42 9.38
C PRO A 105 -15.93 -5.92 9.70
N THR A 106 -16.53 -6.71 8.82
CA THR A 106 -16.40 -8.18 8.87
C THR A 106 -15.06 -8.63 8.27
N THR A 107 -14.59 -9.84 8.62
CA THR A 107 -13.42 -10.37 7.96
C THR A 107 -13.61 -10.57 6.46
N ALA A 108 -14.80 -11.04 6.08
CA ALA A 108 -15.13 -11.24 4.68
C ALA A 108 -15.08 -9.91 3.92
N ALA A 109 -15.52 -8.83 4.54
CA ALA A 109 -15.54 -7.53 3.82
C ALA A 109 -14.13 -6.97 3.65
N MET A 110 -13.21 -7.34 4.56
CA MET A 110 -11.81 -6.83 4.54
C MET A 110 -10.89 -7.72 3.71
N TYR A 111 -11.19 -9.03 3.72
CA TYR A 111 -10.34 -10.04 3.07
C TYR A 111 -11.18 -10.94 2.16
N PRO A 112 -11.92 -10.33 1.18
CA PRO A 112 -12.80 -11.11 0.35
C PRO A 112 -11.98 -12.00 -0.57
N ASP A 113 -10.71 -11.66 -0.82
CA ASP A 113 -9.85 -12.51 -1.63
C ASP A 113 -8.76 -13.21 -0.87
N GLY A 114 -8.92 -13.29 0.44
CA GLY A 114 -7.87 -13.76 1.32
C GLY A 114 -6.64 -12.87 1.28
N LEU A 115 -5.46 -13.48 1.42
CA LEU A 115 -4.22 -12.72 1.32
C LEU A 115 -3.75 -12.73 -0.11
N ARG A 116 -3.96 -11.61 -0.77
CA ARG A 116 -3.53 -11.54 -2.14
C ARG A 116 -2.47 -10.46 -2.24
N THR A 117 -2.84 -9.22 -2.55
CA THR A 117 -1.84 -8.15 -2.49
C THR A 117 -1.70 -7.74 -1.02
N THR A 118 -0.46 -7.58 -0.59
CA THR A 118 -0.18 -7.22 0.79
C THR A 118 0.94 -6.17 0.87
N VAL A 119 1.08 -5.60 2.07
CA VAL A 119 2.22 -4.71 2.36
C VAL A 119 3.41 -5.53 2.87
N GLN A 120 4.56 -5.27 2.28
CA GLN A 120 5.77 -5.79 2.84
C GLN A 120 6.54 -4.71 3.60
N PRO A 121 6.64 -4.84 4.96
CA PRO A 121 7.35 -3.81 5.71
C PRO A 121 8.86 -3.85 5.42
N GLY A 122 9.56 -2.76 5.75
CA GLY A 122 11.04 -2.77 5.82
C GLY A 122 11.61 -3.75 6.87
N PRO A 123 12.94 -3.82 6.98
CA PRO A 123 13.66 -4.79 7.83
C PRO A 123 13.34 -4.64 9.31
N LEU A 124 12.90 -3.44 9.71
CA LEU A 124 12.50 -3.21 11.12
C LEU A 124 11.45 -4.21 11.56
N ALA A 125 10.60 -4.62 10.63
CA ALA A 125 9.54 -5.55 10.97
C ALA A 125 10.08 -6.94 11.34
N ALA A 126 11.34 -7.26 11.01
CA ALA A 126 11.94 -8.54 11.40
C ALA A 126 12.56 -8.50 12.81
N GLU A 127 12.56 -7.33 13.43
CA GLU A 127 13.33 -7.11 14.64
C GLU A 127 12.38 -6.92 15.79
N LEU A 128 12.87 -7.14 17.01
CA LEU A 128 12.11 -6.92 18.27
C LEU A 128 10.84 -7.75 18.33
N GLU A 129 9.67 -7.12 18.19
CA GLU A 129 8.41 -7.90 18.22
C GLU A 129 8.35 -8.81 16.99
N GLY A 130 9.01 -8.42 15.91
CA GLY A 130 9.00 -9.22 14.67
C GLY A 130 9.85 -10.48 14.69
N GLY A 131 10.76 -10.58 15.66
CA GLY A 131 11.68 -11.71 15.74
C GLY A 131 11.02 -13.10 15.76
N PRO A 132 10.20 -13.36 16.80
CA PRO A 132 9.37 -14.54 16.93
C PRO A 132 8.18 -14.58 15.98
N ARG A 133 7.82 -13.42 15.42
CA ARG A 133 6.55 -13.24 14.71
C ARG A 133 6.86 -12.53 13.41
N PRO A 134 7.51 -13.24 12.47
CA PRO A 134 8.02 -12.50 11.31
C PRO A 134 6.95 -12.00 10.31
N THR A 135 5.70 -12.45 10.45
CA THR A 135 4.62 -11.98 9.57
C THR A 135 3.71 -10.95 10.25
N HIS A 136 4.05 -10.62 11.51
CA HIS A 136 3.18 -9.82 12.33
C HIS A 136 2.92 -8.43 11.72
N PHE A 137 3.99 -7.69 11.43
CA PHE A 137 3.81 -6.31 11.01
C PHE A 137 3.32 -6.19 9.56
N ALA A 138 3.58 -7.20 8.73
CA ALA A 138 2.96 -7.19 7.40
C ALA A 138 1.44 -7.15 7.57
N GLY A 139 0.96 -7.89 8.56
CA GLY A 139 -0.48 -7.95 8.85
C GLY A 139 -1.03 -6.59 9.27
N VAL A 140 -0.31 -5.95 10.19
CA VAL A 140 -0.69 -4.62 10.72
C VAL A 140 -0.70 -3.55 9.61
N LEU A 141 0.40 -3.44 8.89
CA LEU A 141 0.52 -2.38 7.89
C LEU A 141 -0.47 -2.64 6.75
N THR A 142 -0.71 -3.91 6.40
CA THR A 142 -1.77 -4.22 5.40
C THR A 142 -3.15 -3.70 5.84
N VAL A 143 -3.59 -4.03 7.05
CA VAL A 143 -4.92 -3.57 7.49
C VAL A 143 -4.94 -2.04 7.69
N VAL A 144 -3.82 -1.48 8.16
CA VAL A 144 -3.81 -0.03 8.37
C VAL A 144 -3.89 0.70 7.02
N LEU A 145 -3.10 0.26 6.04
CA LEU A 145 -3.26 0.79 4.71
C LEU A 145 -4.72 0.76 4.24
N LYS A 146 -5.36 -0.40 4.34
CA LYS A 146 -6.72 -0.57 3.82
C LYS A 146 -7.67 0.39 4.56
N LEU A 147 -7.47 0.54 5.88
CA LEU A 147 -8.30 1.46 6.72
C LEU A 147 -8.14 2.92 6.31
N LEU A 148 -6.89 3.32 6.08
CA LEU A 148 -6.61 4.67 5.59
C LEU A 148 -7.25 4.94 4.21
N GLN A 149 -7.31 3.92 3.35
CA GLN A 149 -7.93 4.05 2.03
C GLN A 149 -9.43 4.10 2.09
N ILE A 150 -9.99 3.31 2.98
CA ILE A 150 -11.45 3.29 3.18
C ILE A 150 -11.93 4.63 3.78
N VAL A 151 -11.26 5.01 4.87
CA VAL A 151 -11.69 6.13 5.71
C VAL A 151 -11.13 7.48 5.18
N ARG A 152 -9.97 7.46 4.52
CA ARG A 152 -9.25 8.63 4.03
C ARG A 152 -9.24 9.75 5.08
N PRO A 153 -8.67 9.48 6.27
CA PRO A 153 -8.64 10.51 7.30
C PRO A 153 -7.56 11.56 7.07
N ASP A 154 -7.75 12.76 7.64
CA ASP A 154 -6.68 13.78 7.72
C ASP A 154 -5.54 13.41 8.64
N ARG A 155 -5.85 12.81 9.78
CA ARG A 155 -4.87 12.34 10.72
C ARG A 155 -5.33 10.97 11.27
N VAL A 156 -4.35 10.15 11.63
CA VAL A 156 -4.57 8.81 12.19
C VAL A 156 -3.80 8.70 13.52
N PHE A 157 -4.43 8.12 14.54
CA PHE A 157 -3.86 8.10 15.89
C PHE A 157 -3.40 6.73 16.36
N PHE A 158 -2.18 6.69 16.88
CA PHE A 158 -1.60 5.46 17.45
C PHE A 158 -0.92 5.72 18.80
N GLY A 159 -0.95 4.75 19.70
CA GLY A 159 -0.26 4.90 20.99
C GLY A 159 1.24 4.68 20.89
N GLU A 160 1.99 5.36 21.75
CA GLU A 160 3.43 5.05 21.90
C GLU A 160 3.69 3.68 22.55
N LYS A 161 2.66 3.10 23.17
CA LYS A 161 2.82 1.85 23.86
C LYS A 161 3.42 0.84 22.90
N ASP A 162 2.83 0.72 21.73
CA ASP A 162 3.32 -0.16 20.68
C ASP A 162 4.15 0.69 19.75
N TYR A 163 5.35 0.99 20.23
CA TYR A 163 6.19 2.02 19.68
C TYR A 163 6.75 1.58 18.33
N GLN A 164 7.15 0.32 18.22
CA GLN A 164 7.67 -0.19 16.94
C GLN A 164 6.52 -0.12 15.93
N GLN A 165 5.31 -0.41 16.36
CA GLN A 165 4.22 -0.37 15.43
C GLN A 165 4.02 1.06 14.91
N LEU A 166 4.16 2.03 15.81
CA LEU A 166 4.05 3.45 15.44
C LEU A 166 5.11 3.79 14.43
N VAL A 167 6.36 3.42 14.72
CA VAL A 167 7.47 3.67 13.80
C VAL A 167 7.19 3.08 12.41
N LEU A 168 6.77 1.82 12.35
CA LEU A 168 6.47 1.22 11.05
C LEU A 168 5.31 1.87 10.34
N ILE A 169 4.33 2.38 11.08
CA ILE A 169 3.23 3.11 10.46
C ILE A 169 3.71 4.41 9.84
N ARG A 170 4.56 5.14 10.54
CA ARG A 170 5.23 6.28 9.97
C ARG A 170 6.03 5.92 8.72
N GLN A 171 6.66 4.74 8.69
CA GLN A 171 7.38 4.29 7.49
C GLN A 171 6.41 4.02 6.34
N LEU A 172 5.34 3.28 6.62
CA LEU A 172 4.26 3.06 5.62
C LEU A 172 3.83 4.38 5.01
N VAL A 173 3.53 5.32 5.88
CA VAL A 173 2.96 6.57 5.41
C VAL A 173 3.96 7.36 4.55
N ALA A 174 5.23 7.44 4.97
CA ALA A 174 6.29 8.11 4.15
C ALA A 174 6.53 7.42 2.81
N ASP A 175 6.68 6.11 2.88
CA ASP A 175 7.13 5.28 1.77
C ASP A 175 6.12 5.17 0.66
N PHE A 176 4.83 5.21 1.03
CA PHE A 176 3.75 5.11 0.04
C PHE A 176 3.11 6.47 -0.22
N ASN A 177 3.72 7.53 0.30
CA ASN A 177 3.28 8.94 0.10
C ASN A 177 1.82 9.11 0.51
N LEU A 178 1.42 8.47 1.60
CA LEU A 178 0.03 8.54 2.02
C LEU A 178 -0.22 9.94 2.54
N ASP A 179 -1.36 10.52 2.16
CA ASP A 179 -1.68 11.90 2.55
C ASP A 179 -2.42 11.96 3.88
N VAL A 180 -1.73 11.63 4.94
CA VAL A 180 -2.31 11.54 6.29
C VAL A 180 -1.21 11.90 7.27
N ALA A 181 -1.55 12.58 8.36
CA ALA A 181 -0.60 12.85 9.44
C ALA A 181 -0.70 11.76 10.49
N VAL A 182 0.45 11.20 10.87
CA VAL A 182 0.47 10.16 11.93
C VAL A 182 0.70 10.86 13.27
N VAL A 183 -0.25 10.69 14.18
CA VAL A 183 -0.13 11.25 15.54
C VAL A 183 0.12 10.15 16.54
N GLY A 184 1.28 10.20 17.19
CA GLY A 184 1.58 9.29 18.31
C GLY A 184 1.05 9.88 19.62
N VAL A 185 0.38 9.08 20.43
CA VAL A 185 -0.20 9.56 21.69
C VAL A 185 0.52 8.90 22.89
N PRO A 186 0.91 9.70 23.94
CA PRO A 186 1.63 9.04 25.04
C PRO A 186 0.86 7.91 25.72
N THR A 187 1.61 6.92 26.16
CA THR A 187 1.10 5.75 26.91
C THR A 187 0.35 6.12 28.19
N VAL A 188 -0.85 5.59 28.35
CA VAL A 188 -1.64 5.79 29.57
C VAL A 188 -1.25 4.67 30.51
N ARG A 189 -0.99 5.04 31.76
CA ARG A 189 -0.51 4.12 32.78
C ARG A 189 -1.46 4.00 33.97
N GLU A 190 -1.49 2.84 34.61
CA GLU A 190 -2.15 2.70 35.89
C GLU A 190 -1.42 3.56 36.93
N ALA A 191 -2.01 3.68 38.13
CA ALA A 191 -1.47 4.55 39.21
C ALA A 191 -0.01 4.22 39.56
N ASP A 192 0.35 2.95 39.50
CA ASP A 192 1.69 2.52 39.82
C ASP A 192 2.68 2.58 38.67
N GLY A 193 2.23 2.97 37.48
CA GLY A 193 3.07 2.95 36.29
C GLY A 193 2.79 1.88 35.23
N LEU A 194 2.04 0.82 35.57
CA LEU A 194 1.83 -0.27 34.61
C LEU A 194 1.19 0.28 33.38
N ALA A 195 1.82 0.08 32.22
CA ALA A 195 1.18 0.52 30.96
C ALA A 195 -0.13 -0.22 30.73
N MET A 196 -1.20 0.53 30.44
CA MET A 196 -2.49 -0.07 30.17
C MET A 196 -2.46 -0.91 28.90
N SER A 197 -3.07 -2.08 28.96
CA SER A 197 -3.09 -3.02 27.84
C SER A 197 -4.21 -3.99 28.10
N SER A 198 -4.82 -4.48 27.03
CA SER A 198 -5.86 -5.50 27.11
C SER A 198 -5.29 -6.79 27.70
N ARG A 199 -3.97 -6.98 27.58
CA ARG A 199 -3.25 -8.14 28.14
C ARG A 199 -3.22 -8.17 29.67
N ASN A 200 -3.35 -7.00 30.31
CA ASN A 200 -3.21 -6.88 31.75
C ASN A 200 -4.28 -7.68 32.48
N ARG A 201 -5.43 -7.89 31.85
CA ARG A 201 -6.52 -8.68 32.46
C ARG A 201 -6.11 -10.16 32.71
N TYR A 202 -5.03 -10.61 32.05
CA TYR A 202 -4.52 -11.99 32.19
C TYR A 202 -3.46 -12.15 33.27
N LEU A 203 -3.15 -11.03 33.94
CA LEU A 203 -2.30 -11.03 35.14
C LEU A 203 -3.11 -11.28 36.40
N ASP A 204 -2.79 -12.35 37.12
CA ASP A 204 -3.39 -12.54 38.44
C ASP A 204 -2.80 -11.50 39.43
N PRO A 205 -3.39 -11.37 40.64
CA PRO A 205 -2.84 -10.47 41.66
C PRO A 205 -1.32 -10.48 41.89
N ALA A 206 -0.68 -11.66 41.89
CA ALA A 206 0.76 -11.71 42.08
C ALA A 206 1.52 -11.17 40.87
N GLN A 207 1.13 -11.64 39.68
CA GLN A 207 1.74 -11.23 38.41
C GLN A 207 1.49 -9.74 38.17
N ARG A 208 0.32 -9.26 38.58
CA ARG A 208 0.00 -7.87 38.50
C ARG A 208 0.93 -7.04 39.38
N ALA A 209 1.22 -7.55 40.58
CA ALA A 209 2.10 -6.88 41.50
C ALA A 209 3.50 -6.83 40.90
N ALA A 210 4.00 -7.96 40.37
CA ALA A 210 5.33 -8.04 39.73
C ALA A 210 5.50 -7.13 38.49
N ALA A 211 4.39 -6.89 37.80
CA ALA A 211 4.37 -6.25 36.48
C ALA A 211 4.84 -4.78 36.51
N VAL A 212 4.69 -4.16 37.68
CA VAL A 212 5.16 -2.80 37.90
C VAL A 212 6.68 -2.72 37.60
N ALA A 213 7.39 -3.85 37.64
CA ALA A 213 8.84 -3.82 37.36
C ALA A 213 9.20 -3.31 35.99
N LEU A 214 8.32 -3.51 35.02
CA LEU A 214 8.59 -3.01 33.66
C LEU A 214 8.72 -1.52 33.65
N SER A 215 7.70 -0.82 34.13
CA SER A 215 7.70 0.66 34.10
C SER A 215 8.72 1.22 35.09
N ALA A 216 8.83 0.59 36.28
CA ALA A 216 9.88 0.95 37.25
C ALA A 216 11.31 0.92 36.66
N ALA A 217 11.61 -0.13 35.89
CA ALA A 217 12.93 -0.33 35.28
C ALA A 217 13.20 0.74 34.24
N LEU A 218 12.20 1.01 33.39
CA LEU A 218 12.33 2.04 32.36
C LEU A 218 12.46 3.44 32.91
N THR A 219 11.67 3.77 33.94
CA THR A 219 11.78 5.11 34.55
C THR A 219 13.08 5.30 35.35
N ALA A 220 13.53 4.24 36.02
CA ALA A 220 14.85 4.25 36.62
C ALA A 220 15.95 4.49 35.58
N ALA A 221 15.92 3.72 34.48
CA ALA A 221 16.85 3.92 33.35
C ALA A 221 16.78 5.36 32.79
N ALA A 222 15.59 5.92 32.63
CA ALA A 222 15.49 7.30 32.11
C ALA A 222 16.19 8.33 33.02
N HIS A 223 16.15 8.08 34.34
CA HIS A 223 16.84 8.90 35.34
C HIS A 223 18.33 8.67 35.52
N ALA A 224 18.72 7.38 35.46
CA ALA A 224 20.12 6.98 35.46
C ALA A 224 20.86 7.44 34.22
N ALA A 225 20.15 7.74 33.15
CA ALA A 225 20.77 8.01 31.87
C ALA A 225 21.62 9.30 31.81
N THR A 226 21.51 10.17 32.81
CA THR A 226 22.50 11.27 32.94
C THR A 226 23.92 10.72 33.01
N ALA A 227 24.05 9.54 33.61
CA ALA A 227 25.30 8.85 33.74
C ALA A 227 25.70 7.98 32.53
N GLY A 228 24.91 7.99 31.46
CA GLY A 228 25.27 7.31 30.22
C GLY A 228 24.44 6.05 29.97
N ALA A 229 24.66 5.46 28.80
CA ALA A 229 23.94 4.26 28.34
C ALA A 229 24.12 3.05 29.24
N GLN A 230 25.35 2.74 29.63
CA GLN A 230 25.58 1.55 30.43
C GLN A 230 24.81 1.62 31.74
N ALA A 231 24.84 2.79 32.34
CA ALA A 231 24.19 3.06 33.60
C ALA A 231 22.65 2.90 33.47
N ALA A 232 22.08 3.50 32.43
CA ALA A 232 20.64 3.39 32.16
C ALA A 232 20.20 1.92 32.00
N LEU A 233 20.89 1.21 31.13
CA LEU A 233 20.59 -0.19 30.88
C LEU A 233 20.77 -1.11 32.09
N ASP A 234 21.85 -0.88 32.85
CA ASP A 234 22.12 -1.66 34.07
C ASP A 234 21.14 -1.34 35.17
N ALA A 235 20.68 -0.08 35.26
CA ALA A 235 19.61 0.24 36.23
C ALA A 235 18.31 -0.50 35.92
N ALA A 236 17.90 -0.47 34.65
CA ALA A 236 16.70 -1.18 34.22
C ALA A 236 16.83 -2.65 34.54
N ARG A 237 17.96 -3.23 34.15
CA ARG A 237 18.19 -4.65 34.34
C ARG A 237 18.15 -5.10 35.79
N ALA A 238 18.66 -4.26 36.70
CA ALA A 238 18.64 -4.60 38.12
C ALA A 238 17.21 -4.66 38.67
N VAL A 239 16.35 -3.73 38.23
CA VAL A 239 14.98 -3.71 38.65
C VAL A 239 14.30 -4.99 38.12
N LEU A 240 14.53 -5.30 36.84
CA LEU A 240 13.94 -6.51 36.25
C LEU A 240 14.40 -7.80 36.93
N ASP A 241 15.70 -7.92 37.19
CA ASP A 241 16.32 -9.05 37.95
C ASP A 241 15.77 -9.23 39.36
N ALA A 242 15.37 -8.13 40.00
CA ALA A 242 14.82 -8.15 41.36
C ALA A 242 13.33 -8.49 41.39
N ALA A 243 12.72 -8.66 40.21
CA ALA A 243 11.26 -8.88 40.09
C ALA A 243 10.89 -10.35 40.00
N PRO A 244 10.03 -10.82 40.92
CA PRO A 244 9.74 -12.25 41.00
C PRO A 244 8.93 -12.68 39.79
N GLY A 245 9.48 -13.61 39.01
CA GLY A 245 8.72 -14.27 37.95
C GLY A 245 8.43 -13.36 36.76
N VAL A 246 9.38 -12.47 36.47
CA VAL A 246 9.39 -11.74 35.21
C VAL A 246 10.49 -12.36 34.37
N ALA A 247 10.12 -12.89 33.20
CA ALA A 247 11.12 -13.34 32.24
C ALA A 247 11.26 -12.36 31.08
N VAL A 248 12.40 -11.71 31.02
CA VAL A 248 12.67 -10.71 29.99
C VAL A 248 12.94 -11.39 28.66
N ASP A 249 12.17 -11.05 27.63
CA ASP A 249 12.54 -11.43 26.27
C ASP A 249 13.57 -10.49 25.66
N TYR A 250 13.33 -9.18 25.73
CA TYR A 250 14.37 -8.22 25.32
C TYR A 250 14.35 -6.91 26.14
N LEU A 251 15.48 -6.25 26.18
CA LEU A 251 15.55 -4.90 26.70
C LEU A 251 16.53 -4.17 25.82
N GLU A 252 16.04 -3.25 25.00
CA GLU A 252 16.92 -2.65 24.02
C GLU A 252 16.83 -1.16 23.96
N LEU A 253 17.99 -0.53 23.82
CA LEU A 253 18.08 0.88 23.73
C LEU A 253 18.39 1.22 22.28
N ARG A 254 17.53 1.99 21.64
CA ARG A 254 17.70 2.24 20.21
C ARG A 254 17.52 3.72 19.94
N ASP A 255 17.96 4.15 18.78
CA ASP A 255 17.59 5.47 18.26
C ASP A 255 16.06 5.60 18.15
N ILE A 256 15.55 6.83 18.23
CA ILE A 256 14.12 7.06 18.17
C ILE A 256 13.37 6.51 16.93
N GLY A 257 14.09 6.29 15.83
CA GLY A 257 13.47 5.69 14.64
C GLY A 257 13.70 4.19 14.56
N LEU A 258 14.40 3.62 15.55
CA LEU A 258 14.62 2.16 15.69
C LEU A 258 15.44 1.49 14.57
N GLY A 259 15.85 2.28 13.58
CA GLY A 259 16.37 1.79 12.28
C GLY A 259 17.89 1.65 12.24
N PRO A 260 18.49 1.66 11.01
CA PRO A 260 19.93 1.50 10.77
C PRO A 260 20.81 2.69 11.22
N MET A 261 20.57 3.15 12.45
CA MET A 261 21.30 4.29 13.00
C MET A 261 21.72 4.06 14.47
N PRO A 262 22.88 4.62 14.86
CA PRO A 262 23.33 4.46 16.25
C PRO A 262 22.53 5.36 17.17
N LEU A 263 22.48 4.99 18.44
CA LEU A 263 21.93 5.87 19.45
C LEU A 263 22.96 7.01 19.69
N ASN A 264 22.50 8.26 19.76
CA ASN A 264 23.42 9.33 20.20
C ASN A 264 23.19 9.89 21.64
N GLY A 265 22.39 10.94 21.74
CA GLY A 265 21.75 11.37 22.97
C GLY A 265 20.33 10.81 23.08
N SER A 266 19.51 11.00 22.03
CA SER A 266 18.06 10.66 22.09
C SER A 266 17.78 9.24 21.67
N GLY A 267 17.00 8.55 22.49
CA GLY A 267 16.63 7.21 22.17
C GLY A 267 15.32 6.79 22.77
N ARG A 268 15.06 5.51 22.57
CA ARG A 268 13.88 4.89 23.10
C ARG A 268 14.41 3.60 23.71
N LEU A 269 13.96 3.32 24.93
CA LEU A 269 14.33 2.07 25.60
C LEU A 269 13.08 1.21 25.60
N LEU A 270 13.20 -0.04 25.11
CA LEU A 270 12.01 -0.90 24.93
C LEU A 270 12.22 -2.20 25.63
N VAL A 271 11.18 -2.69 26.26
CA VAL A 271 11.28 -3.93 27.03
C VAL A 271 10.10 -4.79 26.60
N ALA A 272 10.34 -6.11 26.54
CA ALA A 272 9.27 -7.10 26.44
C ALA A 272 9.59 -8.20 27.42
N ALA A 273 8.59 -8.58 28.21
CA ALA A 273 8.75 -9.57 29.28
C ALA A 273 7.52 -10.46 29.37
N ARG A 274 7.73 -11.68 29.87
CA ARG A 274 6.63 -12.61 30.13
C ARG A 274 6.34 -12.75 31.62
N LEU A 275 5.06 -12.61 31.97
CA LEU A 275 4.58 -12.92 33.29
C LEU A 275 3.66 -14.14 33.19
N GLY A 276 4.22 -15.32 33.45
CA GLY A 276 3.53 -16.58 33.12
C GLY A 276 3.45 -16.69 31.60
N THR A 277 2.24 -16.83 31.07
CA THR A 277 2.03 -16.87 29.62
C THR A 277 1.73 -15.50 29.04
N THR A 278 1.53 -14.49 29.90
CA THR A 278 1.20 -13.13 29.44
C THR A 278 2.42 -12.29 29.07
N ARG A 279 2.46 -11.82 27.81
CA ARG A 279 3.61 -11.11 27.30
C ARG A 279 3.32 -9.62 27.36
N LEU A 280 4.16 -8.87 28.07
CA LEU A 280 3.96 -7.42 28.23
C LEU A 280 5.04 -6.59 27.56
N LEU A 281 4.64 -5.41 27.05
CA LEU A 281 5.55 -4.46 26.41
C LEU A 281 5.49 -3.16 27.13
N ASP A 282 6.60 -2.45 27.09
CA ASP A 282 6.61 -1.07 27.53
C ASP A 282 7.82 -0.41 26.90
N ASN A 283 7.78 0.90 26.77
CA ASN A 283 8.94 1.63 26.30
C ASN A 283 8.98 3.05 26.84
N ILE A 284 10.12 3.71 26.72
CA ILE A 284 10.21 5.03 27.29
C ILE A 284 11.23 5.82 26.48
N ALA A 285 11.01 7.13 26.42
CA ALA A 285 12.03 8.08 25.97
C ALA A 285 13.23 8.11 26.88
N ILE A 286 14.39 8.04 26.26
CA ILE A 286 15.69 8.12 26.93
C ILE A 286 16.52 9.29 26.36
N GLU A 287 17.12 10.10 27.23
CA GLU A 287 18.04 11.17 26.78
C GLU A 287 19.35 10.92 27.48
N ILE A 288 20.40 10.65 26.72
CA ILE A 288 21.67 10.28 27.34
C ILE A 288 22.43 11.57 27.69
N GLY A 289 22.96 11.69 28.92
CA GLY A 289 23.61 12.93 29.40
C GLY A 289 22.71 14.10 29.78
N THR A 290 21.38 13.94 29.71
CA THR A 290 20.44 15.06 29.98
C THR A 290 19.81 14.95 31.35
N ALA B 3 1.15 27.60 0.29
CA ALA B 3 0.81 28.31 -0.97
C ALA B 3 1.03 27.43 -2.21
N ILE B 4 -0.07 27.14 -2.88
CA ILE B 4 -0.13 26.24 -4.05
C ILE B 4 0.77 26.72 -5.22
N PRO B 5 1.59 25.81 -5.81
CA PRO B 5 2.46 26.18 -6.94
C PRO B 5 1.70 26.73 -8.15
N ALA B 6 2.44 27.40 -9.02
CA ALA B 6 1.87 27.97 -10.24
C ALA B 6 1.31 26.89 -11.16
N PHE B 7 0.05 27.07 -11.57
CA PHE B 7 -0.54 26.27 -12.64
C PHE B 7 -1.14 27.13 -13.74
N HIS B 8 -0.59 27.03 -14.95
CA HIS B 8 -1.08 27.78 -16.13
C HIS B 8 -1.91 26.90 -17.05
N PRO B 9 -3.25 27.08 -17.01
CA PRO B 9 -4.22 26.32 -17.81
C PRO B 9 -3.93 26.39 -19.30
N GLY B 10 -4.16 25.27 -19.98
CA GLY B 10 -3.92 25.18 -21.42
C GLY B 10 -2.46 25.09 -21.85
N GLU B 11 -1.56 24.97 -20.89
CA GLU B 11 -0.15 24.83 -21.22
C GLU B 11 0.41 23.62 -20.50
N LEU B 12 1.50 23.07 -21.03
CA LEU B 12 2.21 22.02 -20.29
C LEU B 12 2.95 22.56 -19.05
N ASN B 13 2.45 22.18 -17.87
CA ASN B 13 3.08 22.51 -16.60
C ASN B 13 3.85 21.31 -16.09
N VAL B 14 5.16 21.48 -15.92
CA VAL B 14 6.03 20.37 -15.55
C VAL B 14 6.46 20.49 -14.09
N TYR B 15 6.27 19.41 -13.33
CA TYR B 15 6.65 19.38 -11.92
C TYR B 15 7.52 18.17 -11.64
N SER B 16 8.60 18.41 -10.92
CA SER B 16 9.50 17.33 -10.51
C SER B 16 9.36 16.93 -9.04
N ALA B 17 8.70 17.78 -8.24
CA ALA B 17 8.53 17.51 -6.80
C ALA B 17 7.18 16.87 -6.58
N PRO B 18 7.19 15.71 -5.90
CA PRO B 18 5.96 15.01 -5.59
C PRO B 18 4.93 15.85 -4.85
N GLY B 19 5.35 16.65 -3.87
CA GLY B 19 4.46 17.52 -3.15
C GLY B 19 3.87 18.61 -4.04
N ASP B 20 4.64 19.09 -5.02
CA ASP B 20 4.16 20.13 -5.96
C ASP B 20 3.00 19.63 -6.82
N VAL B 21 3.19 18.48 -7.47
CA VAL B 21 2.10 17.90 -8.28
C VAL B 21 0.92 17.49 -7.39
N ALA B 22 1.23 17.10 -6.15
CA ALA B 22 0.19 16.71 -5.20
C ALA B 22 -0.67 17.93 -4.84
N ASP B 23 -0.03 19.08 -4.63
CA ASP B 23 -0.76 20.29 -4.23
C ASP B 23 -1.61 20.81 -5.38
N VAL B 24 -1.03 20.79 -6.58
CA VAL B 24 -1.75 21.26 -7.76
C VAL B 24 -2.91 20.32 -8.06
N SER B 25 -2.67 19.00 -7.99
CA SER B 25 -3.74 18.02 -8.25
C SER B 25 -4.95 18.25 -7.34
N ARG B 26 -4.67 18.42 -6.04
CA ARG B 26 -5.66 18.71 -5.00
C ARG B 26 -6.43 20.00 -5.24
N ALA B 27 -5.71 21.08 -5.54
CA ALA B 27 -6.31 22.39 -5.86
C ALA B 27 -7.17 22.29 -7.11
N LEU B 28 -6.66 21.59 -8.11
CA LEU B 28 -7.40 21.45 -9.35
C LEU B 28 -8.68 20.65 -9.13
N ARG B 29 -8.60 19.60 -8.32
CA ARG B 29 -9.82 18.80 -8.11
C ARG B 29 -10.93 19.62 -7.44
N LEU B 30 -10.53 20.50 -6.52
CA LEU B 30 -11.45 21.40 -5.80
C LEU B 30 -12.13 22.41 -6.73
N THR B 31 -11.50 22.70 -7.86
CA THR B 31 -12.10 23.59 -8.85
C THR B 31 -13.03 22.83 -9.80
N GLY B 32 -13.31 21.56 -9.49
CA GLY B 32 -14.15 20.74 -10.36
C GLY B 32 -13.47 20.28 -11.64
N ARG B 33 -12.18 19.93 -11.55
CA ARG B 33 -11.52 19.15 -12.60
C ARG B 33 -11.55 17.67 -12.16
N ARG B 34 -11.57 16.77 -13.11
CA ARG B 34 -11.40 15.36 -12.79
C ARG B 34 -9.97 14.96 -13.22
N VAL B 35 -9.15 14.55 -12.26
CA VAL B 35 -7.73 14.32 -12.49
C VAL B 35 -7.53 12.93 -13.07
N MET B 36 -6.89 12.86 -14.24
CA MET B 36 -6.62 11.58 -14.90
C MET B 36 -5.13 11.28 -14.83
N LEU B 37 -4.74 10.07 -14.43
CA LEU B 37 -3.33 9.79 -14.38
C LEU B 37 -2.93 8.80 -15.44
N VAL B 38 -1.88 9.15 -16.20
CA VAL B 38 -1.27 8.29 -17.21
C VAL B 38 0.19 8.02 -16.85
N PRO B 39 0.47 6.89 -16.18
CA PRO B 39 1.84 6.58 -15.83
C PRO B 39 2.66 6.05 -16.99
N THR B 40 3.84 6.64 -17.19
CA THR B 40 4.74 6.21 -18.25
C THR B 40 6.16 6.19 -17.77
N MET B 41 7.00 5.58 -18.60
CA MET B 41 8.41 5.60 -18.34
C MET B 41 9.15 6.40 -19.42
N GLY B 42 8.46 7.36 -20.03
CA GLY B 42 9.03 8.17 -21.10
C GLY B 42 9.24 7.39 -22.39
N ALA B 43 10.00 7.99 -23.31
CA ALA B 43 10.17 7.50 -24.66
C ALA B 43 8.80 7.16 -25.29
N LEU B 44 7.97 8.20 -25.41
CA LEU B 44 6.54 8.03 -25.76
C LEU B 44 6.32 7.78 -27.24
N HIS B 45 5.55 6.74 -27.53
CA HIS B 45 5.05 6.50 -28.88
C HIS B 45 3.54 6.63 -28.94
N GLU B 46 2.96 6.37 -30.10
CA GLU B 46 1.53 6.51 -30.29
C GLU B 46 0.71 5.64 -29.33
N GLY B 47 1.28 4.53 -28.87
CA GLY B 47 0.62 3.70 -27.84
C GLY B 47 0.32 4.50 -26.58
N HIS B 48 1.33 5.21 -26.10
CA HIS B 48 1.15 6.10 -24.97
C HIS B 48 0.21 7.27 -25.24
N LEU B 49 0.17 7.76 -26.49
CA LEU B 49 -0.73 8.86 -26.87
C LEU B 49 -2.17 8.39 -26.82
N ALA B 50 -2.42 7.12 -27.12
CA ALA B 50 -3.76 6.57 -26.96
C ALA B 50 -4.20 6.59 -25.52
N LEU B 51 -3.28 6.38 -24.57
CA LEU B 51 -3.60 6.54 -23.14
C LEU B 51 -4.00 7.99 -22.85
N VAL B 52 -3.18 8.91 -23.36
CA VAL B 52 -3.41 10.35 -23.17
C VAL B 52 -4.76 10.75 -23.75
N ARG B 53 -5.07 10.27 -24.95
CA ARG B 53 -6.31 10.71 -25.58
C ARG B 53 -7.51 10.14 -24.88
N ALA B 54 -7.38 8.90 -24.35
CA ALA B 54 -8.44 8.28 -23.55
C ALA B 54 -8.72 9.12 -22.30
N ALA B 55 -7.64 9.59 -21.68
CA ALA B 55 -7.73 10.42 -20.48
C ALA B 55 -8.39 11.78 -20.78
N LYS B 56 -7.94 12.43 -21.85
CA LYS B 56 -8.48 13.71 -22.33
C LYS B 56 -9.99 13.76 -22.59
N ARG B 57 -10.56 12.66 -23.06
CA ARG B 57 -11.96 12.71 -23.48
C ARG B 57 -12.97 12.63 -22.33
N VAL B 58 -12.49 12.48 -21.10
CA VAL B 58 -13.36 12.57 -19.94
C VAL B 58 -13.72 14.04 -19.73
N PRO B 59 -15.03 14.37 -19.68
CA PRO B 59 -15.44 15.76 -19.42
C PRO B 59 -14.86 16.30 -18.13
N GLY B 60 -14.28 17.49 -18.20
CA GLY B 60 -13.63 18.12 -17.04
C GLY B 60 -12.21 17.67 -16.74
N SER B 61 -11.63 16.85 -17.62
CA SER B 61 -10.34 16.21 -17.34
C SER B 61 -9.24 17.23 -17.22
N VAL B 62 -8.32 16.98 -16.30
CA VAL B 62 -6.97 17.51 -16.45
C VAL B 62 -6.06 16.27 -16.47
N VAL B 63 -5.18 16.21 -17.46
CA VAL B 63 -4.31 15.06 -17.65
C VAL B 63 -2.95 15.21 -17.00
N VAL B 64 -2.64 14.28 -16.07
CA VAL B 64 -1.31 14.17 -15.49
C VAL B 64 -0.63 12.94 -16.13
N VAL B 65 0.51 13.16 -16.77
CA VAL B 65 1.35 12.07 -17.33
C VAL B 65 2.59 12.02 -16.48
N SER B 66 2.83 10.89 -15.81
CA SER B 66 4.06 10.77 -15.06
C SER B 66 5.08 10.25 -16.03
N ILE B 67 6.31 10.77 -15.93
CA ILE B 67 7.44 10.20 -16.65
C ILE B 67 8.42 9.81 -15.57
N PHE B 68 8.64 8.52 -15.34
CA PHE B 68 9.55 8.11 -14.30
C PHE B 68 10.06 6.74 -14.58
N VAL B 69 11.35 6.63 -14.80
CA VAL B 69 11.95 5.34 -15.04
C VAL B 69 12.16 4.71 -13.68
N ASN B 70 11.29 3.76 -13.37
CA ASN B 70 11.25 3.13 -12.05
C ASN B 70 12.30 2.04 -11.94
N PRO B 71 13.39 2.30 -11.17
CA PRO B 71 14.50 1.34 -11.07
C PRO B 71 14.05 0.06 -10.36
N MET B 72 12.97 0.15 -9.58
CA MET B 72 12.44 -0.97 -8.84
C MET B 72 11.81 -2.11 -9.68
N GLN B 73 11.35 -1.78 -10.89
CA GLN B 73 10.89 -2.75 -11.91
C GLN B 73 11.93 -3.09 -12.99
N PHE B 74 13.18 -2.69 -12.78
CA PHE B 74 14.30 -3.21 -13.60
C PHE B 74 15.24 -4.11 -12.78
N ALA B 82 20.71 1.16 -19.89
CA ALA B 82 20.04 2.45 -20.01
C ALA B 82 18.81 2.38 -20.93
N TYR B 83 17.64 2.40 -20.29
CA TYR B 83 16.33 2.58 -20.92
C TYR B 83 16.32 3.85 -21.82
N PRO B 84 15.54 3.85 -22.94
CA PRO B 84 15.43 5.08 -23.75
C PRO B 84 15.00 6.33 -22.96
N ARG B 85 15.69 7.44 -23.17
CA ARG B 85 15.44 8.69 -22.40
C ARG B 85 15.53 9.98 -23.23
N THR B 86 14.41 10.39 -23.81
CA THR B 86 14.31 11.64 -24.58
C THR B 86 13.38 12.65 -23.89
N PRO B 87 13.89 13.40 -22.89
CA PRO B 87 12.97 14.20 -22.06
C PRO B 87 12.29 15.32 -22.86
N ASP B 88 13.08 16.12 -23.58
CA ASP B 88 12.57 17.25 -24.38
C ASP B 88 11.54 16.81 -25.42
N ASP B 89 11.81 15.67 -26.06
CA ASP B 89 10.92 15.12 -27.07
C ASP B 89 9.60 14.65 -26.47
N ASP B 90 9.69 13.93 -25.35
CA ASP B 90 8.47 13.47 -24.66
C ASP B 90 7.55 14.61 -24.29
N LEU B 91 8.13 15.74 -23.86
CA LEU B 91 7.36 16.91 -23.39
C LEU B 91 6.68 17.65 -24.54
N ALA B 92 7.38 17.72 -25.68
CA ALA B 92 6.81 18.18 -26.93
C ALA B 92 5.62 17.37 -27.41
N GLN B 93 5.71 16.04 -27.33
CA GLN B 93 4.57 15.17 -27.68
C GLN B 93 3.33 15.48 -26.84
N LEU B 94 3.57 15.60 -25.53
CA LEU B 94 2.53 15.90 -24.54
C LEU B 94 1.93 17.27 -24.78
N ARG B 95 2.80 18.27 -25.03
CA ARG B 95 2.40 19.62 -25.33
C ARG B 95 1.51 19.55 -26.56
N ALA B 96 1.96 18.83 -27.60
CA ALA B 96 1.16 18.69 -28.81
C ALA B 96 -0.20 18.03 -28.56
N GLU B 97 -0.29 17.16 -27.54
CA GLU B 97 -1.56 16.51 -27.21
C GLU B 97 -2.47 17.34 -26.32
N GLY B 98 -1.99 18.50 -25.87
CA GLY B 98 -2.77 19.34 -24.93
C GLY B 98 -2.85 18.86 -23.48
N VAL B 99 -1.84 18.11 -23.06
CA VAL B 99 -1.72 17.64 -21.67
C VAL B 99 -1.24 18.85 -20.87
N GLU B 100 -1.87 19.09 -19.72
CA GLU B 100 -1.54 20.25 -18.89
C GLU B 100 -0.56 20.01 -17.74
N ILE B 101 -0.40 18.74 -17.32
CA ILE B 101 0.57 18.39 -16.28
C ILE B 101 1.48 17.20 -16.65
N ALA B 102 2.80 17.43 -16.56
CA ALA B 102 3.77 16.35 -16.58
C ALA B 102 4.45 16.26 -15.22
N PHE B 103 4.60 15.03 -14.70
CA PHE B 103 5.21 14.83 -13.40
C PHE B 103 6.49 14.03 -13.67
N THR B 104 7.64 14.64 -13.40
CA THR B 104 8.96 14.12 -13.77
C THR B 104 9.88 14.05 -12.55
N PRO B 105 9.57 13.16 -11.56
CA PRO B 105 10.35 13.10 -10.33
C PRO B 105 11.69 12.42 -10.56
N THR B 106 12.66 12.67 -9.68
CA THR B 106 13.94 11.95 -9.77
C THR B 106 13.75 10.69 -8.97
N THR B 107 14.67 9.75 -9.12
CA THR B 107 14.65 8.58 -8.24
C THR B 107 14.76 8.92 -6.75
N ALA B 108 15.60 9.91 -6.41
CA ALA B 108 15.78 10.29 -5.02
C ALA B 108 14.47 10.83 -4.44
N ALA B 109 13.67 11.46 -5.29
CA ALA B 109 12.42 12.08 -4.88
C ALA B 109 11.39 11.00 -4.57
N MET B 110 11.38 9.96 -5.40
CA MET B 110 10.42 8.88 -5.27
C MET B 110 10.81 7.96 -4.14
N TYR B 111 12.12 7.70 -4.01
CA TYR B 111 12.65 6.79 -3.02
C TYR B 111 13.61 7.48 -2.00
N PRO B 112 13.13 8.52 -1.27
CA PRO B 112 14.03 9.27 -0.37
C PRO B 112 14.68 8.41 0.69
N ASP B 113 14.04 7.30 1.05
CA ASP B 113 14.55 6.41 2.07
C ASP B 113 14.99 5.06 1.51
N GLY B 114 15.27 4.98 0.20
CA GLY B 114 15.61 3.69 -0.42
C GLY B 114 14.42 2.77 -0.49
N LEU B 115 14.65 1.49 -0.76
CA LEU B 115 13.53 0.56 -0.82
C LEU B 115 13.26 0.09 0.60
N ARG B 116 12.16 0.53 1.19
CA ARG B 116 11.85 0.16 2.58
C ARG B 116 10.51 -0.59 2.61
N THR B 117 9.39 0.11 2.87
CA THR B 117 8.07 -0.55 2.70
C THR B 117 7.79 -0.80 1.20
N THR B 118 7.29 -1.98 0.85
CA THR B 118 6.95 -2.23 -0.55
C THR B 118 5.63 -2.98 -0.65
N VAL B 119 5.07 -3.03 -1.86
CA VAL B 119 3.90 -3.86 -2.12
C VAL B 119 4.36 -5.30 -2.45
N GLN B 120 3.77 -6.29 -1.80
CA GLN B 120 3.94 -7.67 -2.21
C GLN B 120 2.70 -8.10 -3.01
N PRO B 121 2.84 -8.31 -4.32
CA PRO B 121 1.73 -8.77 -5.13
C PRO B 121 1.28 -10.14 -4.74
N GLY B 122 0.08 -10.50 -5.17
CA GLY B 122 -0.42 -11.88 -5.02
C GLY B 122 0.38 -12.79 -5.94
N PRO B 123 0.04 -14.09 -5.94
CA PRO B 123 0.73 -15.19 -6.68
C PRO B 123 0.78 -15.02 -8.20
N LEU B 124 -0.19 -14.33 -8.78
CA LEU B 124 -0.13 -14.05 -10.21
C LEU B 124 1.15 -13.34 -10.62
N ALA B 125 1.77 -12.59 -9.70
CA ALA B 125 2.99 -11.89 -10.04
C ALA B 125 4.17 -12.85 -10.29
N ALA B 126 4.03 -14.11 -9.88
CA ALA B 126 5.11 -15.08 -10.16
C ALA B 126 4.91 -15.87 -11.45
N GLU B 127 3.77 -15.68 -12.09
CA GLU B 127 3.48 -16.42 -13.32
C GLU B 127 3.82 -15.58 -14.53
N LEU B 128 3.81 -16.23 -15.71
CA LEU B 128 3.88 -15.50 -17.01
C LEU B 128 5.08 -14.57 -17.03
N GLU B 129 4.89 -13.24 -17.04
CA GLU B 129 6.05 -12.32 -17.05
C GLU B 129 6.93 -12.44 -15.78
N GLY B 130 6.38 -13.00 -14.71
CA GLY B 130 7.08 -13.14 -13.43
C GLY B 130 8.02 -14.34 -13.35
N GLY B 131 7.91 -15.26 -14.32
CA GLY B 131 8.85 -16.39 -14.49
C GLY B 131 10.29 -15.93 -14.69
N PRO B 132 10.61 -15.27 -15.83
CA PRO B 132 11.91 -14.58 -15.98
C PRO B 132 12.23 -13.50 -14.92
N ARG B 133 11.21 -12.74 -14.50
CA ARG B 133 11.46 -11.59 -13.62
C ARG B 133 10.59 -11.62 -12.37
N PRO B 134 11.01 -12.41 -11.36
CA PRO B 134 10.18 -12.65 -10.20
C PRO B 134 9.86 -11.44 -9.29
N THR B 135 10.60 -10.34 -9.44
CA THR B 135 10.38 -9.12 -8.64
C THR B 135 9.82 -7.93 -9.45
N HIS B 136 9.57 -8.13 -10.75
CA HIS B 136 9.23 -7.04 -11.62
C HIS B 136 7.91 -6.40 -11.12
N PHE B 137 6.93 -7.23 -10.80
CA PHE B 137 5.61 -6.72 -10.49
C PHE B 137 5.50 -6.02 -9.13
N ALA B 138 6.27 -6.48 -8.14
CA ALA B 138 6.40 -5.72 -6.87
C ALA B 138 6.87 -4.27 -7.15
N GLY B 139 7.86 -4.15 -8.03
CA GLY B 139 8.39 -2.88 -8.51
C GLY B 139 7.29 -2.05 -9.12
N VAL B 140 6.57 -2.62 -10.06
CA VAL B 140 5.44 -1.95 -10.68
C VAL B 140 4.35 -1.53 -9.70
N LEU B 141 3.87 -2.45 -8.88
CA LEU B 141 2.79 -2.11 -7.97
C LEU B 141 3.23 -1.08 -6.92
N THR B 142 4.48 -1.14 -6.51
CA THR B 142 4.98 -0.21 -5.50
C THR B 142 4.96 1.20 -6.10
N VAL B 143 5.53 1.38 -7.29
CA VAL B 143 5.58 2.75 -7.86
C VAL B 143 4.16 3.23 -8.25
N VAL B 144 3.30 2.31 -8.67
CA VAL B 144 1.93 2.68 -9.02
C VAL B 144 1.12 3.16 -7.80
N LEU B 145 1.16 2.41 -6.71
CA LEU B 145 0.57 2.83 -5.43
C LEU B 145 1.04 4.25 -5.04
N LYS B 146 2.33 4.50 -5.16
CA LYS B 146 2.92 5.82 -4.80
C LYS B 146 2.41 6.94 -5.69
N LEU B 147 2.39 6.72 -7.00
CA LEU B 147 1.82 7.72 -7.92
C LEU B 147 0.38 7.97 -7.63
N LEU B 148 -0.38 6.90 -7.35
CA LEU B 148 -1.79 7.06 -7.00
C LEU B 148 -2.01 7.95 -5.78
N GLN B 149 -1.15 7.79 -4.78
CA GLN B 149 -1.24 8.51 -3.53
C GLN B 149 -0.75 9.95 -3.70
N ILE B 150 0.24 10.14 -4.57
CA ILE B 150 0.78 11.48 -4.87
C ILE B 150 -0.25 12.33 -5.63
N VAL B 151 -0.78 11.77 -6.71
CA VAL B 151 -1.62 12.46 -7.65
C VAL B 151 -3.11 12.40 -7.30
N ARG B 152 -3.52 11.33 -6.61
CA ARG B 152 -4.94 11.07 -6.29
C ARG B 152 -5.87 11.34 -7.49
N PRO B 153 -5.67 10.60 -8.60
CA PRO B 153 -6.51 10.71 -9.78
C PRO B 153 -7.86 10.06 -9.60
N ASP B 154 -8.83 10.49 -10.39
CA ASP B 154 -10.12 9.82 -10.43
C ASP B 154 -10.03 8.55 -11.24
N ARG B 155 -9.22 8.59 -12.28
CA ARG B 155 -9.00 7.46 -13.15
C ARG B 155 -7.52 7.36 -13.50
N VAL B 156 -7.07 6.12 -13.63
CA VAL B 156 -5.70 5.84 -14.03
C VAL B 156 -5.71 4.89 -15.27
N PHE B 157 -4.79 5.10 -16.21
CA PHE B 157 -4.84 4.52 -17.56
C PHE B 157 -3.59 3.67 -17.85
N PHE B 158 -3.85 2.44 -18.30
CA PHE B 158 -2.84 1.44 -18.62
C PHE B 158 -3.19 0.77 -19.93
N GLY B 159 -2.19 0.39 -20.72
CA GLY B 159 -2.43 -0.25 -21.99
C GLY B 159 -2.69 -1.71 -21.79
N GLU B 160 -3.61 -2.25 -22.59
CA GLU B 160 -3.89 -3.71 -22.57
C GLU B 160 -2.72 -4.58 -23.03
N LYS B 161 -1.77 -3.98 -23.74
CA LYS B 161 -0.56 -4.67 -24.23
C LYS B 161 0.17 -5.39 -23.10
N ASP B 162 0.24 -4.74 -21.95
CA ASP B 162 0.83 -5.35 -20.78
C ASP B 162 -0.33 -5.81 -19.94
N TYR B 163 -0.95 -6.89 -20.37
CA TYR B 163 -2.21 -7.28 -19.77
C TYR B 163 -2.08 -7.71 -18.30
N GLN B 164 -1.05 -8.50 -18.02
CA GLN B 164 -0.77 -8.99 -16.68
C GLN B 164 -0.50 -7.82 -15.70
N GLN B 165 0.28 -6.82 -16.14
CA GLN B 165 0.39 -5.62 -15.37
C GLN B 165 -1.00 -5.04 -15.08
N LEU B 166 -1.83 -4.90 -16.11
CA LEU B 166 -3.18 -4.30 -15.91
C LEU B 166 -4.00 -5.12 -14.89
N VAL B 167 -4.04 -6.43 -15.05
CA VAL B 167 -4.71 -7.30 -14.06
C VAL B 167 -4.20 -7.13 -12.60
N LEU B 168 -2.90 -7.03 -12.43
CA LEU B 168 -2.33 -6.90 -11.10
C LEU B 168 -2.65 -5.52 -10.52
N ILE B 169 -2.69 -4.51 -11.38
CA ILE B 169 -3.11 -3.16 -10.92
C ILE B 169 -4.57 -3.19 -10.43
N ARG B 170 -5.45 -3.88 -11.17
CA ARG B 170 -6.82 -4.09 -10.69
C ARG B 170 -6.85 -4.77 -9.34
N GLN B 171 -5.97 -5.77 -9.14
CA GLN B 171 -5.89 -6.47 -7.89
C GLN B 171 -5.36 -5.53 -6.80
N LEU B 172 -4.33 -4.73 -7.10
CA LEU B 172 -3.83 -3.73 -6.13
C LEU B 172 -4.99 -2.82 -5.66
N VAL B 173 -5.73 -2.28 -6.62
CA VAL B 173 -6.81 -1.32 -6.35
C VAL B 173 -7.94 -1.95 -5.51
N ALA B 174 -8.36 -3.17 -5.86
CA ALA B 174 -9.38 -3.88 -5.05
C ALA B 174 -8.87 -4.24 -3.67
N ASP B 175 -7.66 -4.79 -3.63
CA ASP B 175 -7.11 -5.30 -2.40
C ASP B 175 -6.84 -4.24 -1.36
N PHE B 176 -6.47 -3.03 -1.79
CA PHE B 176 -6.10 -1.97 -0.84
C PHE B 176 -7.19 -0.91 -0.76
N ASN B 177 -8.37 -1.20 -1.35
CA ASN B 177 -9.59 -0.38 -1.21
C ASN B 177 -9.33 1.04 -1.77
N LEU B 178 -8.55 1.11 -2.85
CA LEU B 178 -8.15 2.38 -3.49
C LEU B 178 -9.33 3.00 -4.21
N ASP B 179 -9.45 4.32 -4.10
CA ASP B 179 -10.59 5.02 -4.66
C ASP B 179 -10.23 5.61 -6.05
N VAL B 180 -9.99 4.73 -7.02
CA VAL B 180 -9.57 5.14 -8.39
C VAL B 180 -10.16 4.12 -9.34
N ALA B 181 -10.63 4.56 -10.51
CA ALA B 181 -11.08 3.64 -11.56
C ALA B 181 -9.87 3.31 -12.42
N VAL B 182 -9.62 2.00 -12.62
CA VAL B 182 -8.54 1.56 -13.50
C VAL B 182 -9.11 1.40 -14.93
N VAL B 183 -8.51 2.07 -15.92
CA VAL B 183 -9.01 2.03 -17.32
C VAL B 183 -7.94 1.35 -18.18
N GLY B 184 -8.28 0.21 -18.78
CA GLY B 184 -7.40 -0.46 -19.74
C GLY B 184 -7.67 0.02 -21.15
N VAL B 185 -6.62 0.38 -21.87
CA VAL B 185 -6.76 1.01 -23.19
C VAL B 185 -6.26 0.04 -24.27
N PRO B 186 -7.07 -0.21 -25.34
CA PRO B 186 -6.64 -1.25 -26.34
C PRO B 186 -5.26 -0.97 -26.94
N THR B 187 -4.53 -2.06 -27.20
CA THR B 187 -3.21 -1.98 -27.84
C THR B 187 -3.21 -1.27 -29.18
N VAL B 188 -2.29 -0.32 -29.33
CA VAL B 188 -2.06 0.34 -30.58
C VAL B 188 -1.01 -0.51 -31.36
N ARG B 189 -1.27 -0.70 -32.65
CA ARG B 189 -0.51 -1.62 -33.49
C ARG B 189 0.01 -0.90 -34.70
N GLU B 190 1.13 -1.40 -35.20
CA GLU B 190 1.59 -0.95 -36.51
C GLU B 190 0.66 -1.49 -37.59
N ALA B 191 0.88 -1.02 -38.82
CA ALA B 191 0.02 -1.33 -39.92
C ALA B 191 -0.14 -2.83 -40.13
N ASP B 192 0.87 -3.62 -39.76
CA ASP B 192 0.73 -5.06 -39.97
C ASP B 192 0.25 -5.84 -38.76
N GLY B 193 -0.15 -5.11 -37.71
CA GLY B 193 -0.60 -5.71 -36.46
C GLY B 193 0.41 -5.79 -35.32
N LEU B 194 1.70 -5.57 -35.57
CA LEU B 194 2.69 -5.59 -34.52
C LEU B 194 2.34 -4.57 -33.44
N ALA B 195 2.23 -5.04 -32.20
CA ALA B 195 1.96 -4.15 -31.07
C ALA B 195 3.05 -3.07 -30.96
N MET B 196 2.65 -1.80 -30.88
CA MET B 196 3.71 -0.78 -30.76
C MET B 196 4.49 -0.93 -29.47
N SER B 197 5.79 -0.76 -29.56
CA SER B 197 6.66 -0.87 -28.40
C SER B 197 7.94 -0.15 -28.76
N SER B 198 8.64 0.42 -27.77
CA SER B 198 9.91 1.10 -28.05
C SER B 198 10.97 0.09 -28.55
N ARG B 199 10.81 -1.15 -28.12
CA ARG B 199 11.72 -2.25 -28.46
C ARG B 199 11.73 -2.61 -29.92
N ASN B 200 10.67 -2.24 -30.64
CA ASN B 200 10.52 -2.69 -32.02
C ASN B 200 11.66 -2.21 -32.91
N ARG B 201 12.25 -1.07 -32.55
CA ARG B 201 13.30 -0.44 -33.37
C ARG B 201 14.58 -1.25 -33.35
N TYR B 202 14.69 -2.13 -32.35
CA TYR B 202 15.85 -3.02 -32.20
C TYR B 202 15.86 -4.21 -33.13
N LEU B 203 14.70 -4.56 -33.66
CA LEU B 203 14.57 -5.70 -34.58
C LEU B 203 15.23 -5.40 -35.91
N ASP B 204 16.12 -6.30 -36.33
CA ASP B 204 16.64 -6.25 -37.69
C ASP B 204 15.53 -6.62 -38.67
N PRO B 205 15.75 -6.46 -39.99
CA PRO B 205 14.62 -6.66 -40.89
C PRO B 205 13.99 -8.08 -40.92
N ALA B 206 14.81 -9.11 -40.74
CA ALA B 206 14.35 -10.51 -40.67
C ALA B 206 13.49 -10.68 -39.42
N GLN B 207 13.99 -10.15 -38.30
CA GLN B 207 13.27 -10.15 -37.04
C GLN B 207 11.98 -9.37 -37.11
N ARG B 208 12.00 -8.19 -37.72
CA ARG B 208 10.77 -7.37 -37.81
C ARG B 208 9.71 -8.07 -38.67
N ALA B 209 10.17 -8.74 -39.73
CA ALA B 209 9.25 -9.50 -40.60
C ALA B 209 8.67 -10.68 -39.82
N ALA B 210 9.52 -11.38 -39.06
CA ALA B 210 9.07 -12.51 -38.23
C ALA B 210 8.19 -12.07 -37.07
N ALA B 211 8.35 -10.84 -36.59
CA ALA B 211 7.62 -10.35 -35.39
C ALA B 211 6.11 -10.31 -35.57
N VAL B 212 5.68 -10.11 -36.83
CA VAL B 212 4.28 -10.15 -37.20
C VAL B 212 3.55 -11.44 -36.75
N ALA B 213 4.28 -12.55 -36.57
CA ALA B 213 3.64 -13.81 -36.17
C ALA B 213 2.98 -13.73 -34.80
N LEU B 214 3.45 -12.84 -33.89
CA LEU B 214 2.73 -12.72 -32.59
C LEU B 214 1.30 -12.26 -32.73
N SER B 215 1.08 -11.14 -33.42
CA SER B 215 -0.27 -10.65 -33.56
C SER B 215 -1.07 -11.53 -34.50
N ALA B 216 -0.41 -12.05 -35.54
CA ALA B 216 -1.13 -12.88 -36.53
C ALA B 216 -1.63 -14.15 -35.82
N ALA B 217 -0.79 -14.69 -34.93
CA ALA B 217 -1.12 -15.88 -34.16
C ALA B 217 -2.34 -15.63 -33.27
N LEU B 218 -2.39 -14.45 -32.64
CA LEU B 218 -3.46 -14.15 -31.71
C LEU B 218 -4.80 -13.91 -32.42
N THR B 219 -4.78 -13.15 -33.51
CA THR B 219 -5.98 -12.93 -34.31
C THR B 219 -6.49 -14.22 -34.94
N ALA B 220 -5.58 -15.08 -35.41
CA ALA B 220 -6.02 -16.39 -35.92
C ALA B 220 -6.78 -17.10 -34.83
N ALA B 221 -6.19 -17.14 -33.63
CA ALA B 221 -6.78 -17.86 -32.49
C ALA B 221 -8.12 -17.29 -32.14
N ALA B 222 -8.25 -15.95 -32.15
CA ALA B 222 -9.49 -15.35 -31.74
C ALA B 222 -10.61 -15.76 -32.70
N HIS B 223 -10.27 -15.94 -33.97
CA HIS B 223 -11.26 -16.46 -34.94
C HIS B 223 -11.44 -17.95 -35.02
N ALA B 224 -10.37 -18.70 -34.74
CA ALA B 224 -10.45 -20.13 -34.59
C ALA B 224 -11.30 -20.60 -33.40
N ALA B 225 -11.53 -19.69 -32.45
CA ALA B 225 -12.12 -19.98 -31.14
C ALA B 225 -13.60 -20.43 -31.21
N THR B 226 -14.29 -20.16 -32.32
CA THR B 226 -15.63 -20.74 -32.55
C THR B 226 -15.58 -22.28 -32.54
N ALA B 227 -14.43 -22.84 -32.93
CA ALA B 227 -14.22 -24.28 -32.88
C ALA B 227 -13.70 -24.76 -31.50
N GLY B 228 -13.61 -23.85 -30.51
CA GLY B 228 -13.22 -24.21 -29.13
C GLY B 228 -11.80 -23.83 -28.72
N ALA B 229 -11.44 -24.14 -27.47
CA ALA B 229 -10.18 -23.64 -26.88
C ALA B 229 -8.95 -24.30 -27.48
N GLN B 230 -9.03 -25.61 -27.69
CA GLN B 230 -7.92 -26.31 -28.31
C GLN B 230 -7.62 -25.85 -29.76
N ALA B 231 -8.67 -25.66 -30.57
CA ALA B 231 -8.51 -25.13 -31.93
C ALA B 231 -7.90 -23.74 -31.91
N ALA B 232 -8.29 -22.90 -30.95
CA ALA B 232 -7.71 -21.56 -30.84
C ALA B 232 -6.21 -21.65 -30.57
N LEU B 233 -5.86 -22.43 -29.55
CA LEU B 233 -4.46 -22.59 -29.18
C LEU B 233 -3.65 -23.23 -30.30
N ASP B 234 -4.24 -24.21 -30.99
CA ASP B 234 -3.50 -24.90 -32.04
C ASP B 234 -3.31 -23.98 -33.25
N ALA B 235 -4.32 -23.17 -33.56
CA ALA B 235 -4.17 -22.21 -34.64
C ALA B 235 -3.03 -21.22 -34.33
N ALA B 236 -3.01 -20.67 -33.10
CA ALA B 236 -1.93 -19.77 -32.68
C ALA B 236 -0.54 -20.39 -32.78
N ARG B 237 -0.39 -21.61 -32.30
CA ARG B 237 0.91 -22.29 -32.36
C ARG B 237 1.38 -22.55 -33.78
N ALA B 238 0.44 -22.89 -34.69
CA ALA B 238 0.76 -23.09 -36.11
C ALA B 238 1.40 -21.84 -36.70
N VAL B 239 0.83 -20.67 -36.43
CA VAL B 239 1.32 -19.41 -36.96
C VAL B 239 2.74 -19.12 -36.41
N LEU B 240 2.91 -19.23 -35.11
CA LEU B 240 4.22 -19.08 -34.47
C LEU B 240 5.24 -20.09 -35.02
N ASP B 241 4.77 -21.31 -35.29
CA ASP B 241 5.63 -22.36 -35.89
C ASP B 241 6.05 -22.05 -37.30
N ALA B 242 5.41 -21.09 -37.95
CA ALA B 242 5.75 -20.73 -39.33
C ALA B 242 6.80 -19.59 -39.36
N ALA B 243 7.17 -19.07 -38.20
CA ALA B 243 8.13 -17.95 -38.11
C ALA B 243 9.51 -18.41 -37.71
N PRO B 244 10.54 -17.94 -38.44
CA PRO B 244 11.87 -18.30 -38.01
C PRO B 244 12.42 -17.33 -36.96
N GLY B 245 13.28 -17.85 -36.08
CA GLY B 245 13.97 -17.01 -35.11
C GLY B 245 13.03 -16.43 -34.05
N VAL B 246 11.89 -17.10 -33.80
CA VAL B 246 10.95 -16.60 -32.80
C VAL B 246 10.84 -17.61 -31.68
N ALA B 247 11.50 -17.33 -30.57
CA ALA B 247 11.57 -18.30 -29.48
C ALA B 247 10.43 -18.02 -28.51
N VAL B 248 9.40 -18.85 -28.58
CA VAL B 248 8.23 -18.70 -27.73
C VAL B 248 8.49 -19.01 -26.23
N ASP B 249 8.32 -18.00 -25.37
CA ASP B 249 8.51 -18.23 -23.93
C ASP B 249 7.22 -18.80 -23.34
N TYR B 250 6.07 -18.29 -23.77
CA TYR B 250 4.79 -18.92 -23.39
C TYR B 250 3.69 -18.52 -24.36
N LEU B 251 2.65 -19.35 -24.43
CA LEU B 251 1.46 -19.04 -25.18
C LEU B 251 0.36 -19.65 -24.31
N GLU B 252 -0.45 -18.81 -23.68
CA GLU B 252 -1.35 -19.32 -22.64
C GLU B 252 -2.71 -18.67 -22.70
N LEU B 253 -3.73 -19.51 -22.65
CA LEU B 253 -5.11 -19.06 -22.56
C LEU B 253 -5.58 -19.13 -21.11
N ARG B 254 -6.11 -18.01 -20.63
CA ARG B 254 -6.51 -17.85 -19.24
C ARG B 254 -7.84 -17.11 -19.25
N ASP B 255 -8.54 -17.07 -18.12
CA ASP B 255 -9.76 -16.23 -18.04
C ASP B 255 -9.33 -14.79 -18.00
N ILE B 256 -10.28 -13.87 -18.02
CA ILE B 256 -9.92 -12.47 -18.14
C ILE B 256 -9.14 -11.92 -16.93
N GLY B 257 -9.29 -12.55 -15.75
CA GLY B 257 -8.53 -12.15 -14.56
C GLY B 257 -7.24 -12.95 -14.40
N LEU B 258 -6.94 -13.73 -15.43
CA LEU B 258 -5.72 -14.52 -15.57
C LEU B 258 -5.74 -15.77 -14.67
N GLY B 259 -6.93 -16.13 -14.20
CA GLY B 259 -7.17 -17.44 -13.60
C GLY B 259 -7.26 -18.53 -14.66
N PRO B 260 -7.52 -19.79 -14.27
CA PRO B 260 -7.60 -20.85 -15.29
C PRO B 260 -8.74 -20.58 -16.27
N MET B 261 -8.53 -20.89 -17.54
CA MET B 261 -9.60 -20.66 -18.54
C MET B 261 -10.86 -21.50 -18.26
N PRO B 262 -12.05 -20.86 -18.18
CA PRO B 262 -13.31 -21.59 -18.05
C PRO B 262 -13.62 -22.44 -19.29
N LEU B 263 -14.51 -23.41 -19.13
CA LEU B 263 -14.88 -24.29 -20.25
C LEU B 263 -15.41 -23.52 -21.49
N ASN B 264 -16.24 -22.53 -21.22
CA ASN B 264 -16.72 -21.60 -22.22
C ASN B 264 -16.67 -20.18 -21.66
N GLY B 265 -16.86 -19.19 -22.52
CA GLY B 265 -16.89 -17.82 -22.04
C GLY B 265 -15.69 -17.00 -22.47
N SER B 266 -15.48 -15.88 -21.80
CA SER B 266 -14.43 -14.95 -22.18
C SER B 266 -13.11 -15.38 -21.61
N GLY B 267 -12.07 -15.28 -22.42
CA GLY B 267 -10.72 -15.51 -21.94
C GLY B 267 -9.77 -14.44 -22.48
N ARG B 268 -8.50 -14.58 -22.12
CA ARG B 268 -7.41 -13.87 -22.76
C ARG B 268 -6.34 -14.87 -23.19
N LEU B 269 -5.88 -14.73 -24.44
CA LEU B 269 -4.69 -15.47 -24.91
C LEU B 269 -3.46 -14.55 -24.92
N LEU B 270 -2.38 -15.00 -24.26
CA LEU B 270 -1.17 -14.17 -24.06
C LEU B 270 0.01 -14.90 -24.64
N VAL B 271 0.93 -14.17 -25.26
CA VAL B 271 2.15 -14.77 -25.83
C VAL B 271 3.35 -13.90 -25.50
N ALA B 272 4.52 -14.51 -25.34
CA ALA B 272 5.77 -13.79 -25.16
C ALA B 272 6.77 -14.56 -25.93
N ALA B 273 7.69 -13.85 -26.58
CA ALA B 273 8.69 -14.52 -27.43
C ALA B 273 9.94 -13.66 -27.53
N ARG B 274 11.08 -14.31 -27.74
CA ARG B 274 12.33 -13.59 -27.94
C ARG B 274 12.77 -13.65 -29.35
N LEU B 275 13.13 -12.49 -29.91
CA LEU B 275 13.64 -12.47 -31.27
C LEU B 275 15.02 -11.95 -31.07
N GLY B 276 16.01 -12.84 -31.11
CA GLY B 276 17.38 -12.43 -30.74
C GLY B 276 17.43 -11.97 -29.30
N THR B 277 17.89 -10.74 -29.04
CA THR B 277 17.89 -10.25 -27.65
C THR B 277 16.60 -9.49 -27.27
N THR B 278 15.72 -9.28 -28.24
CA THR B 278 14.48 -8.50 -28.03
C THR B 278 13.27 -9.39 -27.63
N ARG B 279 12.69 -9.11 -26.47
CA ARG B 279 11.54 -9.86 -25.96
C ARG B 279 10.24 -9.10 -26.21
N LEU B 280 9.31 -9.78 -26.86
CA LEU B 280 8.08 -9.13 -27.28
C LEU B 280 6.90 -9.83 -26.64
N LEU B 281 5.86 -9.05 -26.33
CA LEU B 281 4.62 -9.59 -25.74
C LEU B 281 3.42 -9.13 -26.54
N ASP B 282 2.36 -9.96 -26.52
CA ASP B 282 1.09 -9.54 -27.07
C ASP B 282 0.03 -10.42 -26.40
N ASN B 283 -1.23 -10.03 -26.58
CA ASN B 283 -2.37 -10.73 -25.95
C ASN B 283 -3.63 -10.30 -26.67
N ILE B 284 -4.66 -11.14 -26.60
CA ILE B 284 -5.92 -10.78 -27.27
C ILE B 284 -7.08 -11.35 -26.51
N ALA B 285 -8.23 -10.67 -26.54
CA ALA B 285 -9.47 -11.25 -26.02
C ALA B 285 -9.88 -12.44 -26.85
N ILE B 286 -10.35 -13.47 -26.17
CA ILE B 286 -10.86 -14.69 -26.77
C ILE B 286 -12.28 -15.00 -26.19
N GLU B 287 -13.19 -15.48 -27.02
CA GLU B 287 -14.53 -15.89 -26.59
C GLU B 287 -14.65 -17.35 -27.00
N ILE B 288 -14.80 -18.24 -26.03
CA ILE B 288 -14.67 -19.68 -26.34
C ILE B 288 -15.97 -20.32 -26.79
N GLY B 289 -15.98 -20.72 -28.08
CA GLY B 289 -17.16 -21.19 -28.78
C GLY B 289 -17.93 -20.01 -29.36
N1 A7D C . -1.75 4.12 26.04
C2 A7D C . -1.91 4.69 24.84
N3 A7D C . -2.24 3.96 23.79
C4 A7D C . -2.42 2.61 23.90
C5 A7D C . -2.26 1.97 25.13
C6 A7D C . -1.91 2.78 26.22
N6 A7D C . -1.74 2.21 27.42
N7 A7D C . -2.50 0.69 24.97
C8 A7D C . -2.81 0.48 23.68
N9 A7D C . -2.75 1.65 23.04
OAB A7D C . -5.29 -3.21 13.59
OAC A7D C . -2.47 -3.32 15.27
OAD A7D C . -2.52 2.41 18.91
OAE A7D C . -0.62 1.60 20.94
CAH A7D C . -3.98 -2.66 13.35
CAI A7D C . -3.72 -1.23 17.01
CAJ A7D C . -4.30 -1.62 15.62
CAK A7D C . -4.17 -0.78 19.82
OAO A7D C . -4.25 1.30 21.18
SAP A7D C . -5.02 -1.39 18.33
CAT A7D C . -3.26 -2.22 14.67
CAU A7D C . -2.56 1.09 19.45
CAV A7D C . -1.94 1.05 20.86
CAW A7D C . -4.01 0.76 19.81
CAX A7D C . -3.00 1.88 21.63
C1 GOL D . -7.86 -8.93 -0.24
O1 GOL D . -8.67 -9.80 0.50
C2 GOL D . -6.91 -8.00 0.56
O2 GOL D . -7.60 -7.32 1.56
C3 GOL D . -5.61 -8.62 1.03
O3 GOL D . -4.86 -9.12 -0.08
C1 GOL E . -12.12 -15.63 -2.84
O1 GOL E . -11.90 -17.02 -2.75
C2 GOL E . -12.52 -15.27 -4.25
O2 GOL E . -13.33 -14.12 -4.19
C3 GOL E . -13.33 -16.43 -4.81
O3 GOL E . -13.10 -16.54 -6.21
S SO4 F . -3.91 -3.14 23.89
O1 SO4 F . -4.87 -2.85 24.94
O2 SO4 F . -3.77 -2.00 22.99
O3 SO4 F . -2.60 -3.48 24.46
O4 SO4 F . -4.42 -4.29 23.14
C1 EOH G . 0.37 -12.63 -0.10
C2 EOH G . 1.28 -11.49 -0.52
O EOH G . 0.03 -13.39 -1.23
C1 EOH H . 7.66 6.58 39.24
C2 EOH H . 7.70 7.24 40.63
O EOH H . 8.50 5.44 39.10
N1 A7D I . -0.69 0.34 -26.88
C2 A7D I . -1.30 0.73 -25.75
N3 A7D I . -0.60 0.97 -24.64
C4 A7D I . 0.74 0.83 -24.63
C5 A7D I . 1.42 0.42 -25.78
C6 A7D I . 0.65 0.16 -26.92
N6 A7D I . 1.24 -0.27 -28.02
N7 A7D I . 2.73 0.34 -25.51
C8 A7D I . 2.86 0.70 -24.22
N9 A7D I . 1.66 1.02 -23.70
OAB A7D I . 6.09 2.23 -13.76
OAC A7D I . 5.05 0.12 -15.36
OAD A7D I . 0.35 1.33 -19.69
OAE A7D I . 0.81 -0.84 -21.32
CAH A7D I . 4.70 1.84 -13.71
CAI A7D I . 4.02 1.85 -17.51
CAJ A7D I . 4.48 2.36 -16.13
CAK A7D I . 4.07 2.06 -20.43
OAO A7D I . 2.23 2.54 -21.93
SAP A7D I . 4.86 2.72 -18.90
CAT A7D I . 4.26 1.29 -15.06
CAU A7D I . 1.73 1.03 -20.07
CAV A7D I . 1.74 0.26 -21.39
CAW A7D I . 2.54 2.32 -20.52
CAX A7D I . 1.35 1.43 -22.35
S SO4 J . 6.77 0.13 -24.25
O1 SO4 J . 6.49 1.20 -23.30
O2 SO4 J . 7.10 0.75 -25.52
O3 SO4 J . 7.86 -0.75 -23.82
O4 SO4 J . 5.56 -0.70 -24.38
#